data_3VA3
#
_entry.id   3VA3
#
_cell.length_a   100.266
_cell.length_b   112.684
_cell.length_c   57.793
_cell.angle_alpha   90.00
_cell.angle_beta   90.00
_cell.angle_gamma   90.00
#
_symmetry.space_group_name_H-M   'P 21 21 2'
#
loop_
_entity.id
_entity.type
_entity.pdbx_description
1 polymer 'Ribonuclease T'
2 polymer "DNA (5'-D(*GP*GP*CP*CP*CP*TP*CP*TP*TP*TP*AP*GP*GP*GP*CP*CP*TP*T)-3')"
3 non-polymer 'COBALT (II) ION'
4 water water
#
loop_
_entity_poly.entity_id
_entity_poly.type
_entity_poly.pdbx_seq_one_letter_code
_entity_poly.pdbx_strand_id
1 'polypeptide(L)'
;MGSSHHHHHHSSGLVPRGSHMSDNAQLTGLCDRFRGFYPVVIDVETAGFNAKTDALLEIAAITLKMDEQGWLMPDTTLHF
HVEPFVGANLQPEALAFNGIDPNDPDRGAVSGYEALHEIFKVVRKGIKASGCNRAIMVAHNANFDHSFMMAAAERASLKR
NPFHPFATFDTAALAGLALGQTVLSKACQTAGMDFDSTQAHSALYDTERTAVLFCEIVNRWKRLGGWPLSAAEEV
;
A,B
2 'polydeoxyribonucleotide' (DG)(DG)(DC)(DC)(DC)(DT)(DC)(DT)(DT)(DT)(DA)(DG)(DG)(DG)(DC)(DC)(DT)(DT) C,D
#
loop_
_chem_comp.id
_chem_comp.type
_chem_comp.name
_chem_comp.formula
CO non-polymer 'COBALT (II) ION' 'Co 2'
DA DNA linking 2'-DEOXYADENOSINE-5'-MONOPHOSPHATE 'C10 H14 N5 O6 P'
DC DNA linking 2'-DEOXYCYTIDINE-5'-MONOPHOSPHATE 'C9 H14 N3 O7 P'
DG DNA linking 2'-DEOXYGUANOSINE-5'-MONOPHOSPHATE 'C10 H14 N5 O7 P'
DT DNA linking THYMIDINE-5'-MONOPHOSPHATE 'C10 H15 N2 O8 P'
#
# COMPACT_ATOMS: atom_id res chain seq x y z
N GLN A 26 13.75 5.02 -25.87
CA GLN A 26 12.85 4.79 -26.99
C GLN A 26 11.40 4.96 -26.56
N LEU A 27 11.07 4.40 -25.40
CA LEU A 27 9.70 4.37 -24.91
C LEU A 27 9.29 5.62 -24.13
N THR A 28 8.66 6.56 -24.83
CA THR A 28 8.19 7.82 -24.26
C THR A 28 6.94 7.65 -23.39
N GLY A 29 6.03 6.80 -23.84
CA GLY A 29 4.67 6.73 -23.32
C GLY A 29 4.47 6.38 -21.85
N LEU A 30 3.27 6.71 -21.36
CA LEU A 30 2.89 6.45 -19.98
C LEU A 30 2.61 4.97 -19.75
N CYS A 31 1.94 4.35 -20.72
CA CYS A 31 1.54 2.95 -20.62
C CYS A 31 2.72 2.04 -20.30
N ASP A 32 3.90 2.42 -20.79
CA ASP A 32 5.09 1.60 -20.61
C ASP A 32 5.69 1.73 -19.21
N ARG A 33 5.48 2.88 -18.58
CA ARG A 33 6.11 3.18 -17.29
C ARG A 33 5.54 2.33 -16.14
N PHE A 34 4.26 2.00 -16.22
CA PHE A 34 3.61 1.22 -15.17
C PHE A 34 2.85 0.01 -15.73
N ARG A 35 3.53 -0.74 -16.60
CA ARG A 35 3.01 -1.97 -17.20
C ARG A 35 1.62 -1.85 -17.82
N GLY A 36 1.22 -0.65 -18.18
CA GLY A 36 -0.08 -0.46 -18.81
C GLY A 36 -1.12 0.02 -17.83
N PHE A 37 -0.73 0.18 -16.58
CA PHE A 37 -1.61 0.76 -15.58
C PHE A 37 -1.74 2.27 -15.80
N TYR A 38 -2.90 2.81 -15.42
CA TYR A 38 -3.23 4.21 -15.62
C TYR A 38 -3.44 4.88 -14.27
N PRO A 39 -2.33 5.40 -13.69
CA PRO A 39 -2.33 5.97 -12.34
C PRO A 39 -3.22 7.20 -12.17
N VAL A 40 -4.28 7.05 -11.37
CA VAL A 40 -5.16 8.16 -11.05
C VAL A 40 -5.06 8.48 -9.57
N VAL A 41 -4.87 9.75 -9.25
CA VAL A 41 -4.70 10.17 -7.87
C VAL A 41 -6.05 10.39 -7.19
N ILE A 42 -6.18 9.92 -5.95
CA ILE A 42 -7.43 10.04 -5.21
C ILE A 42 -7.22 10.41 -3.75
N ASP A 43 -7.99 11.39 -3.28
CA ASP A 43 -8.10 11.64 -1.86
C ASP A 43 -9.57 11.71 -1.48
N VAL A 44 -9.86 11.47 -0.20
CA VAL A 44 -11.24 11.41 0.24
C VAL A 44 -11.40 11.94 1.66
N GLU A 45 -12.47 12.70 1.88
CA GLU A 45 -12.79 13.21 3.21
C GLU A 45 -14.09 12.56 3.66
N THR A 46 -14.10 12.05 4.89
CA THR A 46 -15.22 11.23 5.35
C THR A 46 -15.80 11.65 6.70
N ALA A 47 -16.84 10.92 7.12
CA ALA A 47 -17.49 11.17 8.40
C ALA A 47 -17.07 10.12 9.42
N GLY A 48 -15.92 9.49 9.20
CA GLY A 48 -15.40 8.49 10.10
C GLY A 48 -14.35 7.61 9.44
N PHE A 49 -14.03 6.49 10.09
CA PHE A 49 -13.01 5.59 9.56
C PHE A 49 -13.59 4.27 9.04
N ASN A 50 -14.89 4.07 9.18
CA ASN A 50 -15.53 2.86 8.70
C ASN A 50 -16.04 3.04 7.27
N ALA A 51 -15.37 2.39 6.32
CA ALA A 51 -15.75 2.52 4.91
C ALA A 51 -17.17 2.02 4.65
N LYS A 52 -17.62 1.08 5.48
CA LYS A 52 -18.95 0.49 5.32
C LYS A 52 -20.07 1.34 5.92
N THR A 53 -19.83 1.87 7.12
CA THR A 53 -20.87 2.54 7.88
C THR A 53 -20.76 4.06 7.91
N ASP A 54 -19.57 4.59 7.61
CA ASP A 54 -19.35 6.03 7.69
C ASP A 54 -19.51 6.74 6.34
N ALA A 55 -20.05 7.94 6.39
CA ALA A 55 -20.44 8.67 5.18
C ALA A 55 -19.26 9.26 4.40
N LEU A 56 -19.37 9.19 3.07
CA LEU A 56 -18.42 9.85 2.19
C LEU A 56 -18.88 11.28 1.96
N LEU A 57 -18.09 12.23 2.45
CA LEU A 57 -18.46 13.64 2.42
C LEU A 57 -17.98 14.35 1.16
N GLU A 58 -16.74 14.08 0.76
CA GLU A 58 -16.24 14.60 -0.52
C GLU A 58 -15.06 13.81 -1.08
N ILE A 59 -14.88 13.90 -2.39
CA ILE A 59 -13.85 13.14 -3.10
C ILE A 59 -13.25 13.93 -4.25
N ALA A 60 -11.93 13.88 -4.38
CA ALA A 60 -11.22 14.53 -5.47
C ALA A 60 -10.34 13.55 -6.23
N ALA A 61 -10.28 13.70 -7.56
CA ALA A 61 -9.53 12.79 -8.41
C ALA A 61 -8.68 13.54 -9.42
N ILE A 62 -7.40 13.18 -9.50
CA ILE A 62 -6.49 13.82 -10.47
C ILE A 62 -5.77 12.80 -11.34
N THR A 63 -6.08 12.81 -12.63
CA THR A 63 -5.42 11.94 -13.59
C THR A 63 -4.04 12.48 -13.93
N LEU A 64 -3.16 11.60 -14.40
CA LEU A 64 -1.81 12.02 -14.78
C LEU A 64 -1.60 11.93 -16.29
N LYS A 65 -0.50 12.51 -16.74
CA LYS A 65 -0.15 12.49 -18.15
C LYS A 65 1.37 12.39 -18.25
N MET A 66 1.86 12.07 -19.43
CA MET A 66 3.30 11.98 -19.64
C MET A 66 3.70 12.65 -20.95
N ASP A 67 4.80 13.39 -20.92
CA ASP A 67 5.29 14.05 -22.12
C ASP A 67 6.24 13.16 -22.91
N GLU A 68 6.77 13.68 -24.01
CA GLU A 68 7.65 12.91 -24.88
C GLU A 68 9.05 12.77 -24.29
N GLN A 69 9.40 13.67 -23.37
CA GLN A 69 10.68 13.58 -22.68
C GLN A 69 10.61 12.49 -21.61
N GLY A 70 9.39 12.02 -21.33
CA GLY A 70 9.14 11.00 -20.33
C GLY A 70 8.81 11.54 -18.95
N TRP A 71 8.44 12.82 -18.87
CA TRP A 71 8.17 13.43 -17.57
C TRP A 71 6.70 13.31 -17.16
N LEU A 72 6.47 13.16 -15.86
CA LEU A 72 5.13 12.91 -15.32
C LEU A 72 4.56 14.16 -14.67
N MET A 73 3.27 14.41 -14.93
CA MET A 73 2.63 15.63 -14.47
C MET A 73 1.11 15.45 -14.39
N PRO A 74 0.47 16.18 -13.47
CA PRO A 74 -0.99 16.14 -13.33
C PRO A 74 -1.68 16.47 -14.64
N ASP A 75 -2.83 15.86 -14.90
CA ASP A 75 -3.54 16.08 -16.16
C ASP A 75 -4.86 16.81 -15.92
N THR A 76 -5.94 16.06 -15.71
CA THR A 76 -7.24 16.66 -15.47
C THR A 76 -7.67 16.48 -14.01
N THR A 77 -8.47 17.41 -13.51
CA THR A 77 -8.83 17.43 -12.09
C THR A 77 -10.34 17.46 -11.87
N LEU A 78 -10.82 16.65 -10.93
CA LEU A 78 -12.23 16.65 -10.55
C LEU A 78 -12.37 16.65 -9.03
N HIS A 79 -13.51 17.15 -8.54
CA HIS A 79 -13.81 17.14 -7.11
C HIS A 79 -15.31 17.31 -6.88
N PHE A 80 -15.82 16.64 -5.86
CA PHE A 80 -17.25 16.66 -5.56
C PHE A 80 -17.49 16.67 -4.05
N HIS A 81 -18.52 17.40 -3.63
CA HIS A 81 -19.04 17.29 -2.29
C HIS A 81 -20.17 16.26 -2.35
N VAL A 82 -20.08 15.22 -1.54
CA VAL A 82 -21.08 14.17 -1.58
C VAL A 82 -22.00 14.22 -0.37
N GLU A 83 -23.28 13.95 -0.59
CA GLU A 83 -24.23 13.87 0.50
C GLU A 83 -24.21 12.45 1.08
N PRO A 84 -24.14 12.35 2.42
CA PRO A 84 -24.01 11.07 3.11
C PRO A 84 -25.13 10.10 2.71
N PHE A 85 -24.78 8.86 2.40
CA PHE A 85 -25.79 7.87 2.06
C PHE A 85 -26.76 7.70 3.22
N VAL A 86 -28.06 7.71 2.92
CA VAL A 86 -29.08 7.63 3.96
C VAL A 86 -28.85 6.43 4.88
N GLY A 87 -28.76 6.70 6.18
CA GLY A 87 -28.48 5.66 7.16
C GLY A 87 -27.04 5.71 7.62
N ALA A 88 -26.22 6.49 6.91
CA ALA A 88 -24.80 6.62 7.20
C ALA A 88 -24.53 7.27 8.54
N ASN A 89 -23.40 6.93 9.14
CA ASN A 89 -22.94 7.58 10.38
C ASN A 89 -22.18 8.88 10.10
N LEU A 90 -22.32 9.83 11.01
CA LEU A 90 -21.59 11.09 10.91
C LEU A 90 -20.83 11.34 12.22
N GLN A 91 -19.69 10.68 12.37
CA GLN A 91 -18.88 10.80 13.58
C GLN A 91 -18.50 12.25 13.83
N PRO A 92 -18.81 12.76 15.03
CA PRO A 92 -18.62 14.17 15.40
C PRO A 92 -17.17 14.64 15.22
N GLU A 93 -16.22 13.82 15.67
CA GLU A 93 -14.80 14.17 15.59
C GLU A 93 -14.29 14.28 14.15
N ALA A 94 -14.69 13.34 13.30
CA ALA A 94 -14.37 13.41 11.88
C ALA A 94 -14.81 14.75 11.31
N LEU A 95 -15.96 15.24 11.78
CA LEU A 95 -16.45 16.55 11.37
C LEU A 95 -15.62 17.66 12.00
N ALA A 96 -15.18 17.44 13.23
CA ALA A 96 -14.33 18.39 13.92
C ALA A 96 -13.00 18.52 13.20
N PHE A 97 -12.50 17.40 12.71
CA PHE A 97 -11.23 17.37 11.99
C PHE A 97 -11.30 18.09 10.64
N ASN A 98 -12.15 17.60 9.75
CA ASN A 98 -12.22 18.16 8.39
C ASN A 98 -13.03 19.45 8.30
N GLY A 99 -13.66 19.84 9.41
CA GLY A 99 -14.47 21.05 9.45
C GLY A 99 -15.55 21.08 8.37
N ILE A 100 -16.15 19.94 8.09
CA ILE A 100 -17.21 19.88 7.10
C ILE A 100 -18.60 19.92 7.75
N ASP A 101 -19.56 20.52 7.04
CA ASP A 101 -20.94 20.54 7.51
C ASP A 101 -21.87 19.93 6.46
N PRO A 102 -22.33 18.70 6.71
CA PRO A 102 -23.22 18.00 5.78
C PRO A 102 -24.55 18.73 5.65
N ASN A 103 -24.94 19.42 6.73
CA ASN A 103 -26.23 20.10 6.81
C ASN A 103 -26.31 21.37 5.97
N ASP A 104 -25.19 22.07 5.85
CA ASP A 104 -25.09 23.27 5.03
C ASP A 104 -25.83 23.09 3.70
N PRO A 105 -26.82 23.96 3.44
CA PRO A 105 -27.65 23.91 2.22
C PRO A 105 -26.88 24.20 0.94
N ASP A 106 -26.10 25.27 0.94
CA ASP A 106 -25.37 25.69 -0.26
C ASP A 106 -24.10 24.88 -0.49
N ARG A 107 -23.98 23.75 0.20
CA ARG A 107 -22.82 22.87 0.03
C ARG A 107 -22.70 22.45 -1.43
N GLY A 108 -23.83 22.31 -2.10
CA GLY A 108 -23.85 21.89 -3.49
C GLY A 108 -23.39 20.46 -3.63
N ALA A 109 -23.72 19.65 -2.63
CA ALA A 109 -23.29 18.26 -2.60
C ALA A 109 -24.05 17.42 -3.62
N VAL A 110 -23.58 16.20 -3.82
CA VAL A 110 -24.20 15.28 -4.76
C VAL A 110 -24.27 13.87 -4.18
N SER A 111 -24.88 12.96 -4.94
CA SER A 111 -24.99 11.57 -4.52
C SER A 111 -23.70 10.83 -4.84
N GLY A 112 -23.28 9.95 -3.94
CA GLY A 112 -22.06 9.18 -4.14
C GLY A 112 -21.94 8.66 -5.55
N TYR A 113 -23.03 8.07 -6.04
CA TYR A 113 -23.12 7.61 -7.42
C TYR A 113 -22.66 8.70 -8.38
N GLU A 114 -23.25 9.88 -8.28
CA GLU A 114 -22.96 10.96 -9.22
C GLU A 114 -21.46 11.23 -9.36
N ALA A 115 -20.81 11.51 -8.24
CA ALA A 115 -19.37 11.74 -8.25
C ALA A 115 -18.63 10.57 -8.89
N LEU A 116 -18.81 9.38 -8.34
CA LEU A 116 -18.11 8.19 -8.81
C LEU A 116 -18.37 7.91 -10.29
N HIS A 117 -19.63 8.07 -10.71
CA HIS A 117 -19.97 7.89 -12.12
C HIS A 117 -19.14 8.82 -12.99
N GLU A 118 -19.02 10.06 -12.56
CA GLU A 118 -18.28 11.06 -13.32
C GLU A 118 -16.79 10.78 -13.30
N ILE A 119 -16.25 10.50 -12.12
CA ILE A 119 -14.83 10.20 -11.98
C ILE A 119 -14.41 9.06 -12.90
N PHE A 120 -15.24 8.02 -12.95
CA PHE A 120 -14.90 6.83 -13.73
C PHE A 120 -14.85 7.08 -15.23
N LYS A 121 -15.89 7.71 -15.77
CA LYS A 121 -15.98 7.91 -17.21
C LYS A 121 -14.77 8.61 -17.81
N VAL A 122 -14.24 9.62 -17.09
CA VAL A 122 -13.06 10.33 -17.57
C VAL A 122 -11.81 9.46 -17.44
N VAL A 123 -11.79 8.62 -16.40
CA VAL A 123 -10.68 7.70 -16.17
C VAL A 123 -10.61 6.68 -17.30
N ARG A 124 -11.75 6.08 -17.63
CA ARG A 124 -11.82 5.16 -18.75
C ARG A 124 -11.40 5.88 -20.02
N LYS A 125 -11.96 7.07 -20.24
CA LYS A 125 -11.61 7.90 -21.39
C LYS A 125 -10.12 8.15 -21.41
N GLY A 126 -9.55 8.38 -20.23
CA GLY A 126 -8.12 8.63 -20.10
C GLY A 126 -7.27 7.39 -20.35
N ILE A 127 -7.82 6.22 -20.01
CA ILE A 127 -7.11 4.97 -20.23
C ILE A 127 -6.97 4.67 -21.73
N LYS A 128 -8.04 4.85 -22.48
CA LYS A 128 -8.01 4.61 -23.91
C LYS A 128 -6.96 5.48 -24.60
N ALA A 129 -7.01 6.78 -24.30
CA ALA A 129 -6.03 7.71 -24.85
C ALA A 129 -4.61 7.25 -24.55
N SER A 130 -4.36 6.92 -23.28
CA SER A 130 -3.03 6.52 -22.85
C SER A 130 -2.58 5.22 -23.51
N GLY A 131 -3.53 4.36 -23.83
CA GLY A 131 -3.21 3.04 -24.34
C GLY A 131 -3.00 2.09 -23.18
N CYS A 132 -3.44 2.50 -21.99
CA CYS A 132 -3.35 1.66 -20.82
C CYS A 132 -4.43 0.58 -20.85
N ASN A 133 -4.37 -0.36 -19.90
CA ASN A 133 -5.35 -1.44 -19.86
C ASN A 133 -6.21 -1.40 -18.60
N ARG A 134 -5.72 -0.74 -17.56
CA ARG A 134 -6.43 -0.69 -16.29
C ARG A 134 -5.90 0.41 -15.37
N ALA A 135 -6.81 1.16 -14.77
CA ALA A 135 -6.44 2.24 -13.85
C ALA A 135 -6.07 1.69 -12.48
N ILE A 136 -5.20 2.41 -11.78
CA ILE A 136 -4.82 2.04 -10.43
C ILE A 136 -4.72 3.27 -9.54
N MET A 137 -5.31 3.18 -8.35
CA MET A 137 -5.40 4.35 -7.47
C MET A 137 -4.09 4.70 -6.80
N VAL A 138 -3.72 5.97 -6.88
CA VAL A 138 -2.59 6.50 -6.14
C VAL A 138 -3.12 7.34 -5.00
N ALA A 139 -2.76 6.98 -3.77
CA ALA A 139 -3.25 7.70 -2.61
C ALA A 139 -2.34 7.49 -1.41
N HIS A 140 -2.38 8.44 -0.47
CA HIS A 140 -1.55 8.37 0.72
C HIS A 140 -2.25 7.52 1.77
N ASN A 141 -1.62 6.39 2.11
CA ASN A 141 -2.28 5.32 2.86
C ASN A 141 -3.46 4.83 2.03
N ALA A 142 -3.16 4.45 0.80
CA ALA A 142 -4.16 4.22 -0.25
C ALA A 142 -5.37 3.38 0.15
N ASN A 143 -5.13 2.24 0.80
CA ASN A 143 -6.22 1.33 1.16
C ASN A 143 -7.43 2.08 1.72
N PHE A 144 -7.18 2.94 2.69
CA PHE A 144 -8.20 3.82 3.24
C PHE A 144 -9.09 4.41 2.16
N ASP A 145 -8.49 5.17 1.25
CA ASP A 145 -9.27 5.80 0.18
C ASP A 145 -9.89 4.73 -0.72
N HIS A 146 -9.05 3.82 -1.20
CA HIS A 146 -9.51 2.71 -2.03
C HIS A 146 -10.67 1.97 -1.38
N SER A 147 -10.55 1.73 -0.08
CA SER A 147 -11.61 1.13 0.72
C SER A 147 -12.91 1.90 0.58
N PHE A 148 -12.87 3.21 0.87
CA PHE A 148 -14.06 4.05 0.80
C PHE A 148 -14.68 4.09 -0.59
N MET A 149 -13.84 4.23 -1.62
CA MET A 149 -14.34 4.28 -2.99
C MET A 149 -15.15 3.05 -3.33
N MET A 150 -14.52 1.88 -3.24
CA MET A 150 -15.20 0.63 -3.55
C MET A 150 -16.52 0.55 -2.81
N ALA A 151 -16.49 0.80 -1.52
CA ALA A 151 -17.69 0.79 -0.69
C ALA A 151 -18.74 1.73 -1.23
N ALA A 152 -18.30 2.86 -1.77
CA ALA A 152 -19.21 3.85 -2.33
C ALA A 152 -19.80 3.38 -3.65
N ALA A 153 -18.99 2.71 -4.46
CA ALA A 153 -19.45 2.15 -5.72
C ALA A 153 -20.47 1.05 -5.46
N GLU A 154 -20.28 0.31 -4.37
CA GLU A 154 -21.21 -0.75 -4.00
C GLU A 154 -22.58 -0.17 -3.68
N ARG A 155 -22.63 0.72 -2.70
CA ARG A 155 -23.85 1.44 -2.37
C ARG A 155 -24.47 2.03 -3.63
N ALA A 156 -23.62 2.51 -4.53
CA ALA A 156 -24.09 3.15 -5.75
C ALA A 156 -24.46 2.12 -6.82
N SER A 157 -24.14 0.86 -6.55
CA SER A 157 -24.39 -0.21 -7.51
C SER A 157 -23.65 0.02 -8.83
N LEU A 158 -22.63 0.88 -8.78
CA LEU A 158 -21.80 1.15 -9.94
C LEU A 158 -21.14 -0.13 -10.46
N LYS A 159 -20.93 -0.20 -11.77
CA LYS A 159 -20.28 -1.37 -12.36
C LYS A 159 -19.28 -0.97 -13.45
N ARG A 160 -18.44 -1.92 -13.84
CA ARG A 160 -17.40 -1.68 -14.84
C ARG A 160 -16.24 -0.85 -14.28
N ASN A 161 -16.27 -0.62 -12.97
CA ASN A 161 -15.21 0.11 -12.27
C ASN A 161 -13.85 -0.14 -12.91
N PRO A 162 -13.21 0.94 -13.40
CA PRO A 162 -11.94 0.86 -14.12
C PRO A 162 -10.73 0.76 -13.19
N PHE A 163 -10.95 0.83 -11.88
CA PHE A 163 -9.85 0.72 -10.93
C PHE A 163 -9.54 -0.74 -10.61
N HIS A 164 -8.29 -1.00 -10.23
CA HIS A 164 -7.90 -2.33 -9.79
C HIS A 164 -8.50 -2.63 -8.42
N PRO A 165 -9.03 -3.84 -8.24
CA PRO A 165 -9.75 -4.26 -7.03
C PRO A 165 -8.90 -4.35 -5.77
N PHE A 166 -7.59 -4.55 -5.90
CA PHE A 166 -6.74 -4.69 -4.72
C PHE A 166 -5.32 -4.14 -4.87
N ALA A 167 -4.99 -3.62 -6.05
CA ALA A 167 -3.66 -3.06 -6.28
C ALA A 167 -3.67 -1.53 -6.17
N THR A 168 -2.75 -1.01 -5.36
CA THR A 168 -2.67 0.44 -5.13
C THR A 168 -1.23 0.95 -5.06
N PHE A 169 -1.05 2.20 -5.46
CA PHE A 169 0.22 2.90 -5.28
C PHE A 169 0.13 3.80 -4.04
N ASP A 170 0.75 3.36 -2.95
CA ASP A 170 0.69 4.06 -1.68
C ASP A 170 1.80 5.10 -1.55
N THR A 171 1.42 6.37 -1.56
CA THR A 171 2.39 7.45 -1.46
C THR A 171 3.08 7.49 -0.11
N ALA A 172 2.52 6.80 0.88
CA ALA A 172 3.14 6.75 2.19
C ALA A 172 4.37 5.85 2.13
N ALA A 173 4.21 4.72 1.47
CA ALA A 173 5.29 3.75 1.29
C ALA A 173 6.36 4.27 0.33
N LEU A 174 5.92 4.84 -0.79
CA LEU A 174 6.85 5.40 -1.76
C LEU A 174 7.68 6.53 -1.16
N ALA A 175 7.05 7.37 -0.35
CA ALA A 175 7.78 8.47 0.29
C ALA A 175 8.78 7.92 1.30
N GLY A 176 8.48 6.75 1.86
CA GLY A 176 9.39 6.12 2.80
C GLY A 176 10.68 5.68 2.15
N LEU A 177 10.56 5.19 0.91
CA LEU A 177 11.72 4.76 0.14
C LEU A 177 12.50 5.96 -0.40
N ALA A 178 11.80 6.85 -1.08
CA ALA A 178 12.43 7.99 -1.76
C ALA A 178 12.90 9.09 -0.82
N LEU A 179 12.12 9.38 0.22
CA LEU A 179 12.41 10.53 1.09
C LEU A 179 12.71 10.14 2.53
N GLY A 180 12.28 8.95 2.93
CA GLY A 180 12.48 8.50 4.29
C GLY A 180 11.42 9.02 5.25
N GLN A 181 10.26 9.39 4.70
CA GLN A 181 9.16 9.91 5.51
C GLN A 181 7.84 9.24 5.14
N THR A 182 7.02 8.95 6.14
CA THR A 182 5.74 8.28 5.90
C THR A 182 4.58 9.28 5.88
N VAL A 183 4.64 10.27 6.76
CA VAL A 183 3.62 11.31 6.83
C VAL A 183 3.58 12.11 5.51
N LEU A 184 2.40 12.56 5.12
CA LEU A 184 2.25 13.33 3.89
C LEU A 184 2.87 14.71 4.06
N SER A 185 2.58 15.34 5.19
CA SER A 185 3.18 16.63 5.53
C SER A 185 4.70 16.56 5.41
N LYS A 186 5.33 15.82 6.31
CA LYS A 186 6.79 15.74 6.36
C LYS A 186 7.41 15.29 5.04
N ALA A 187 6.70 14.42 4.32
CA ALA A 187 7.18 13.95 3.02
C ALA A 187 7.25 15.09 2.02
N CYS A 188 6.16 15.86 1.94
CA CYS A 188 6.10 16.97 1.01
C CYS A 188 7.17 18.01 1.34
N GLN A 189 7.40 18.25 2.63
CA GLN A 189 8.36 19.24 3.08
C GLN A 189 9.81 18.82 2.81
N THR A 190 10.11 17.55 3.06
CA THR A 190 11.44 17.00 2.86
C THR A 190 11.79 16.94 1.36
N ALA A 191 10.78 16.66 0.53
CA ALA A 191 10.96 16.57 -0.90
C ALA A 191 11.23 17.94 -1.52
N GLY A 192 11.00 18.99 -0.75
CA GLY A 192 11.23 20.35 -1.22
C GLY A 192 9.96 21.08 -1.59
N MET A 193 8.82 20.41 -1.40
CA MET A 193 7.53 21.01 -1.71
C MET A 193 7.07 21.94 -0.60
N ASP A 194 6.11 22.80 -0.93
CA ASP A 194 5.49 23.66 0.08
C ASP A 194 4.14 23.08 0.48
N PHE A 195 3.95 22.89 1.79
CA PHE A 195 2.77 22.20 2.29
C PHE A 195 2.08 22.96 3.41
N ASP A 196 0.88 23.48 3.11
CA ASP A 196 0.12 24.21 4.11
C ASP A 196 -0.78 23.24 4.86
N SER A 197 -0.38 22.90 6.09
CA SER A 197 -1.06 21.87 6.87
C SER A 197 -2.49 22.24 7.22
N THR A 198 -2.74 23.53 7.41
CA THR A 198 -4.07 23.99 7.80
C THR A 198 -5.06 23.89 6.65
N GLN A 199 -4.56 23.91 5.42
CA GLN A 199 -5.38 23.73 4.23
C GLN A 199 -5.52 22.25 3.86
N ALA A 200 -4.72 21.42 4.51
CA ALA A 200 -4.68 19.99 4.19
C ALA A 200 -6.04 19.33 4.31
N HIS A 201 -6.73 19.56 5.43
CA HIS A 201 -8.03 18.95 5.68
C HIS A 201 -8.90 18.91 4.43
N SER A 202 -8.81 19.94 3.59
CA SER A 202 -9.58 20.02 2.35
C SER A 202 -9.17 18.93 1.36
N ALA A 203 -10.15 18.40 0.63
CA ALA A 203 -9.91 17.30 -0.30
C ALA A 203 -9.06 17.71 -1.51
N LEU A 204 -9.49 18.74 -2.21
CA LEU A 204 -8.83 19.18 -3.44
C LEU A 204 -7.37 19.57 -3.21
N TYR A 205 -7.08 20.11 -2.03
CA TYR A 205 -5.71 20.51 -1.71
C TYR A 205 -4.83 19.28 -1.53
N ASP A 206 -5.32 18.28 -0.81
CA ASP A 206 -4.58 17.06 -0.59
C ASP A 206 -4.30 16.31 -1.88
N THR A 207 -5.34 16.12 -2.68
CA THR A 207 -5.21 15.41 -3.94
C THR A 207 -4.18 16.11 -4.83
N GLU A 208 -4.03 17.41 -4.64
CA GLU A 208 -3.08 18.19 -5.42
C GLU A 208 -1.66 18.00 -4.89
N ARG A 209 -1.48 18.19 -3.58
CA ARG A 209 -0.19 17.97 -2.95
C ARG A 209 0.28 16.52 -3.11
N THR A 210 -0.68 15.60 -3.11
CA THR A 210 -0.37 14.19 -3.33
C THR A 210 0.07 13.92 -4.76
N ALA A 211 -0.72 14.35 -5.74
CA ALA A 211 -0.43 14.10 -7.14
C ALA A 211 0.98 14.58 -7.51
N VAL A 212 1.33 15.77 -7.04
CA VAL A 212 2.63 16.35 -7.30
C VAL A 212 3.75 15.54 -6.66
N LEU A 213 3.53 15.11 -5.41
CA LEU A 213 4.50 14.28 -4.72
C LEU A 213 4.89 13.09 -5.61
N PHE A 214 3.89 12.31 -6.00
CA PHE A 214 4.08 11.16 -6.86
C PHE A 214 4.92 11.53 -8.08
N CYS A 215 4.55 12.62 -8.75
CA CYS A 215 5.27 13.07 -9.93
C CYS A 215 6.71 13.45 -9.60
N GLU A 216 6.92 14.04 -8.43
CA GLU A 216 8.27 14.40 -8.02
C GLU A 216 9.10 13.18 -7.67
N ILE A 217 8.47 12.21 -7.04
CA ILE A 217 9.14 10.97 -6.68
C ILE A 217 9.53 10.19 -7.92
N VAL A 218 8.58 10.03 -8.83
CA VAL A 218 8.79 9.31 -10.08
C VAL A 218 9.82 9.99 -10.96
N ASN A 219 9.72 11.32 -11.05
CA ASN A 219 10.61 12.08 -11.93
C ASN A 219 12.05 12.16 -11.43
N ARG A 220 12.23 12.33 -10.13
CA ARG A 220 13.57 12.35 -9.56
C ARG A 220 14.25 11.01 -9.80
N TRP A 221 13.45 9.95 -9.75
CA TRP A 221 13.93 8.60 -10.01
C TRP A 221 14.52 8.53 -11.41
N LYS A 222 13.81 9.12 -12.37
CA LYS A 222 14.27 9.19 -13.75
C LYS A 222 15.56 10.01 -13.87
N ARG A 223 15.64 11.09 -13.10
CA ARG A 223 16.82 11.95 -13.14
C ARG A 223 18.09 11.23 -12.69
N LEU A 224 17.98 10.42 -11.65
CA LEU A 224 19.15 9.72 -11.12
C LEU A 224 19.49 8.51 -11.98
N GLY A 225 18.83 8.40 -13.13
CA GLY A 225 19.08 7.31 -14.07
C GLY A 225 18.42 6.00 -13.66
N GLY A 226 17.40 6.10 -12.80
CA GLY A 226 16.69 4.92 -12.34
C GLY A 226 15.78 4.34 -13.41
N TRP A 227 15.34 5.19 -14.33
CA TRP A 227 14.47 4.77 -15.41
C TRP A 227 14.90 5.45 -16.71
N PRO A 228 14.93 4.69 -17.82
CA PRO A 228 14.59 3.27 -17.95
C PRO A 228 15.52 2.33 -17.16
N LEU A 229 15.25 1.04 -17.23
CA LEU A 229 15.91 0.06 -16.37
C LEU A 229 17.31 -0.37 -16.83
N SER A 230 17.61 -0.15 -18.10
CA SER A 230 18.90 -0.58 -18.66
C SER A 230 18.98 -2.10 -18.74
N THR B 28 23.83 7.58 10.16
CA THR B 28 23.34 6.41 9.45
C THR B 28 22.82 5.35 10.43
N GLY B 29 22.30 4.25 9.90
CA GLY B 29 21.69 3.22 10.70
C GLY B 29 20.27 2.93 10.22
N LEU B 30 19.81 1.71 10.43
CA LEU B 30 18.45 1.31 10.04
C LEU B 30 17.42 2.32 10.57
N CYS B 31 17.56 2.69 11.84
CA CYS B 31 16.62 3.58 12.50
C CYS B 31 16.46 4.90 11.74
N ASP B 32 17.54 5.36 11.13
CA ASP B 32 17.56 6.66 10.46
C ASP B 32 17.07 6.59 9.03
N ARG B 33 16.84 5.37 8.54
CA ARG B 33 16.48 5.18 7.15
C ARG B 33 14.97 5.33 6.91
N PHE B 34 14.17 4.95 7.90
CA PHE B 34 12.72 5.05 7.76
C PHE B 34 12.06 5.72 8.96
N ARG B 35 12.50 6.94 9.26
CA ARG B 35 11.96 7.73 10.37
C ARG B 35 11.61 6.92 11.61
N GLY B 36 12.45 5.92 11.92
CA GLY B 36 12.30 5.17 13.15
C GLY B 36 11.56 3.85 13.05
N PHE B 37 11.10 3.53 11.84
CA PHE B 37 10.35 2.30 11.62
C PHE B 37 11.25 1.07 11.49
N TYR B 38 10.76 -0.06 12.00
CA TYR B 38 11.46 -1.33 11.87
C TYR B 38 10.75 -2.20 10.84
N PRO B 39 11.26 -2.22 9.61
CA PRO B 39 10.62 -2.93 8.50
C PRO B 39 10.70 -4.44 8.69
N VAL B 40 9.56 -5.11 8.68
CA VAL B 40 9.50 -6.57 8.77
C VAL B 40 8.77 -7.13 7.56
N VAL B 41 9.42 -8.03 6.82
CA VAL B 41 8.85 -8.58 5.60
C VAL B 41 7.97 -9.78 5.93
N ILE B 42 6.82 -9.88 5.26
CA ILE B 42 5.85 -10.93 5.56
C ILE B 42 5.09 -11.46 4.34
N ASP B 43 4.93 -12.78 4.27
CA ASP B 43 3.98 -13.38 3.34
C ASP B 43 3.07 -14.35 4.08
N VAL B 44 1.78 -14.32 3.77
CA VAL B 44 0.82 -15.14 4.50
C VAL B 44 0.05 -16.08 3.56
N GLU B 45 -0.15 -17.31 4.01
CA GLU B 45 -0.95 -18.29 3.27
C GLU B 45 -2.25 -18.56 4.02
N THR B 46 -3.38 -18.39 3.34
CA THR B 46 -4.68 -18.41 4.01
C THR B 46 -5.67 -19.39 3.43
N ALA B 47 -6.81 -19.51 4.10
CA ALA B 47 -7.89 -20.39 3.66
C ALA B 47 -8.85 -19.67 2.71
N GLY B 48 -8.83 -18.34 2.76
CA GLY B 48 -9.64 -17.54 1.86
C GLY B 48 -9.23 -16.08 1.81
N PHE B 49 -10.17 -15.21 1.43
CA PHE B 49 -9.91 -13.79 1.29
C PHE B 49 -10.45 -12.96 2.45
N ASN B 50 -11.37 -13.53 3.22
CA ASN B 50 -11.91 -12.83 4.38
C ASN B 50 -11.00 -12.95 5.58
N ALA B 51 -10.44 -11.82 6.02
CA ALA B 51 -9.49 -11.80 7.12
C ALA B 51 -10.17 -12.11 8.46
N LYS B 52 -11.47 -11.87 8.52
CA LYS B 52 -12.22 -12.07 9.76
C LYS B 52 -12.67 -13.52 9.94
N THR B 53 -13.11 -14.13 8.85
CA THR B 53 -13.70 -15.46 8.90
C THR B 53 -12.73 -16.58 8.54
N ASP B 54 -12.00 -16.39 7.44
CA ASP B 54 -11.17 -17.46 6.92
C ASP B 54 -9.93 -17.72 7.78
N ALA B 55 -9.21 -18.79 7.48
CA ALA B 55 -8.13 -19.24 8.36
C ALA B 55 -6.74 -18.85 7.89
N LEU B 56 -5.81 -18.84 8.84
CA LEU B 56 -4.40 -18.63 8.56
C LEU B 56 -3.73 -19.99 8.59
N LEU B 57 -2.93 -20.28 7.57
CA LEU B 57 -2.33 -21.60 7.44
C LEU B 57 -0.80 -21.55 7.52
N GLU B 58 -0.21 -20.50 6.95
CA GLU B 58 1.24 -20.30 6.99
C GLU B 58 1.59 -18.84 7.23
N ILE B 59 2.64 -18.60 8.01
CA ILE B 59 3.15 -17.24 8.21
C ILE B 59 4.68 -17.24 8.19
N ALA B 60 5.26 -16.33 7.41
CA ALA B 60 6.71 -16.18 7.35
C ALA B 60 7.10 -14.73 7.60
N ALA B 61 8.19 -14.52 8.32
CA ALA B 61 8.62 -13.18 8.68
C ALA B 61 10.14 -13.06 8.63
N ILE B 62 10.63 -11.91 8.16
CA ILE B 62 12.06 -11.68 8.04
C ILE B 62 12.43 -10.26 8.45
N THR B 63 13.14 -10.12 9.57
CA THR B 63 13.61 -8.82 10.01
C THR B 63 14.80 -8.40 9.15
N LEU B 64 15.08 -7.10 9.11
CA LEU B 64 16.16 -6.59 8.28
C LEU B 64 17.22 -5.83 9.08
N LYS B 65 18.44 -5.82 8.57
CA LYS B 65 19.54 -5.06 9.18
C LYS B 65 20.29 -4.26 8.13
N MET B 66 21.14 -3.34 8.60
CA MET B 66 21.90 -2.48 7.70
C MET B 66 23.37 -2.50 8.09
N ASP B 67 24.25 -2.80 7.14
CA ASP B 67 25.68 -2.82 7.43
C ASP B 67 26.23 -1.40 7.61
N GLU B 68 27.52 -1.29 7.92
CA GLU B 68 28.12 0.00 8.24
C GLU B 68 28.07 0.97 7.05
N GLN B 69 28.26 0.45 5.85
CA GLN B 69 28.22 1.27 4.65
C GLN B 69 26.80 1.77 4.39
N GLY B 70 25.84 1.15 5.06
CA GLY B 70 24.44 1.53 4.90
C GLY B 70 23.69 0.64 3.93
N TRP B 71 24.12 -0.62 3.82
CA TRP B 71 23.46 -1.56 2.92
C TRP B 71 22.44 -2.41 3.66
N LEU B 72 21.32 -2.70 3.00
CA LEU B 72 20.21 -3.41 3.63
C LEU B 72 20.24 -4.89 3.30
N MET B 73 20.30 -5.73 4.33
CA MET B 73 20.26 -7.18 4.11
C MET B 73 19.44 -7.92 5.17
N PRO B 74 18.93 -9.11 4.83
CA PRO B 74 18.13 -9.95 5.73
C PRO B 74 18.90 -10.32 7.01
N ASP B 75 18.28 -10.09 8.17
CA ASP B 75 18.92 -10.41 9.46
C ASP B 75 18.46 -11.78 9.99
N THR B 76 17.16 -11.89 10.28
CA THR B 76 16.59 -13.12 10.82
C THR B 76 15.41 -13.62 9.98
N THR B 77 15.12 -14.91 10.07
CA THR B 77 14.02 -15.51 9.32
C THR B 77 13.19 -16.44 10.20
N LEU B 78 11.86 -16.25 10.18
CA LEU B 78 10.95 -17.13 10.89
C LEU B 78 9.84 -17.61 9.96
N HIS B 79 9.39 -18.85 10.14
CA HIS B 79 8.25 -19.36 9.40
C HIS B 79 7.49 -20.37 10.24
N PHE B 80 6.18 -20.43 10.05
CA PHE B 80 5.35 -21.31 10.84
C PHE B 80 4.21 -21.91 10.02
N HIS B 81 3.82 -23.13 10.37
CA HIS B 81 2.61 -23.73 9.83
C HIS B 81 1.50 -23.50 10.84
N VAL B 82 0.36 -23.00 10.40
CA VAL B 82 -0.69 -22.57 11.32
C VAL B 82 -1.91 -23.49 11.35
N GLU B 83 -2.36 -23.82 12.55
CA GLU B 83 -3.61 -24.56 12.70
C GLU B 83 -4.76 -23.59 12.53
N PRO B 84 -5.71 -23.92 11.65
CA PRO B 84 -6.86 -23.04 11.44
C PRO B 84 -7.60 -22.85 12.75
N PHE B 85 -8.05 -21.63 13.03
CA PHE B 85 -8.72 -21.35 14.29
C PHE B 85 -10.11 -21.99 14.31
N VAL B 86 -10.57 -22.35 15.49
CA VAL B 86 -11.90 -22.95 15.61
C VAL B 86 -12.96 -21.97 15.13
N GLY B 87 -13.79 -22.45 14.21
CA GLY B 87 -14.81 -21.60 13.60
C GLY B 87 -14.33 -21.05 12.28
N ALA B 88 -13.08 -21.36 11.93
CA ALA B 88 -12.48 -20.82 10.72
C ALA B 88 -13.20 -21.31 9.48
N ASN B 89 -13.22 -20.48 8.45
CA ASN B 89 -13.78 -20.87 7.17
C ASN B 89 -12.66 -21.28 6.22
N LEU B 90 -12.84 -22.42 5.56
CA LEU B 90 -11.81 -22.96 4.69
C LEU B 90 -12.31 -23.06 3.26
N GLN B 91 -12.00 -22.06 2.45
CA GLN B 91 -12.46 -22.03 1.06
C GLN B 91 -11.78 -23.09 0.20
N PRO B 92 -12.57 -24.01 -0.37
CA PRO B 92 -12.05 -25.02 -1.29
C PRO B 92 -11.26 -24.37 -2.43
N GLU B 93 -11.86 -23.36 -3.07
CA GLU B 93 -11.21 -22.66 -4.17
C GLU B 93 -9.78 -22.25 -3.82
N ALA B 94 -9.59 -21.78 -2.59
CA ALA B 94 -8.28 -21.33 -2.14
C ALA B 94 -7.32 -22.50 -1.97
N LEU B 95 -7.73 -23.49 -1.19
CA LEU B 95 -6.87 -24.64 -0.92
C LEU B 95 -6.41 -25.33 -2.21
N ALA B 96 -7.24 -25.30 -3.23
CA ALA B 96 -6.90 -25.88 -4.53
C ALA B 96 -5.83 -25.05 -5.22
N PHE B 97 -5.78 -23.76 -4.87
CA PHE B 97 -4.78 -22.85 -5.44
C PHE B 97 -3.40 -23.02 -4.82
N ASN B 98 -3.35 -23.07 -3.48
CA ASN B 98 -2.08 -23.20 -2.78
C ASN B 98 -1.71 -24.65 -2.44
N GLY B 99 -2.68 -25.54 -2.58
CA GLY B 99 -2.45 -26.97 -2.37
C GLY B 99 -2.01 -27.35 -0.97
N ILE B 100 -2.56 -26.67 0.03
CA ILE B 100 -2.25 -27.00 1.41
C ILE B 100 -3.30 -27.91 2.05
N ASP B 101 -2.85 -28.91 2.78
CA ASP B 101 -3.74 -29.85 3.44
C ASP B 101 -3.79 -29.56 4.93
N PRO B 102 -4.84 -28.85 5.38
CA PRO B 102 -4.97 -28.37 6.76
C PRO B 102 -5.05 -29.49 7.80
N ASN B 103 -5.69 -30.60 7.45
CA ASN B 103 -5.92 -31.68 8.42
C ASN B 103 -4.70 -32.59 8.59
N ASP B 104 -3.69 -32.41 7.75
CA ASP B 104 -2.49 -33.23 7.82
C ASP B 104 -1.77 -33.00 9.15
N PRO B 105 -1.71 -34.06 9.97
CA PRO B 105 -1.04 -34.00 11.28
C PRO B 105 0.48 -33.98 11.12
N ASP B 106 0.98 -34.38 9.96
CA ASP B 106 2.41 -34.32 9.69
C ASP B 106 2.77 -32.99 9.03
N ARG B 107 2.04 -31.95 9.42
CA ARG B 107 2.20 -30.62 8.84
C ARG B 107 3.21 -29.82 9.63
N GLY B 108 3.35 -30.14 10.90
CA GLY B 108 4.24 -29.39 11.78
C GLY B 108 3.57 -28.10 12.20
N ALA B 109 2.25 -28.10 12.19
CA ALA B 109 1.47 -26.91 12.50
C ALA B 109 1.48 -26.56 13.99
N VAL B 110 1.43 -25.27 14.28
CA VAL B 110 1.32 -24.77 15.65
C VAL B 110 0.10 -23.86 15.77
N SER B 111 -0.17 -23.40 16.98
CA SER B 111 -1.29 -22.48 17.20
C SER B 111 -0.96 -21.09 16.69
N GLY B 112 -1.94 -20.43 16.09
CA GLY B 112 -1.76 -19.08 15.60
C GLY B 112 -1.12 -18.18 16.65
N TYR B 113 -1.51 -18.40 17.90
CA TYR B 113 -0.91 -17.68 19.03
C TYR B 113 0.59 -17.92 19.12
N GLU B 114 1.00 -19.18 18.97
CA GLU B 114 2.38 -19.58 19.13
C GLU B 114 3.27 -18.97 18.05
N ALA B 115 2.77 -18.91 16.83
CA ALA B 115 3.52 -18.36 15.71
C ALA B 115 3.80 -16.86 15.89
N LEU B 116 2.76 -16.09 16.18
CA LEU B 116 2.89 -14.64 16.35
C LEU B 116 3.69 -14.24 17.60
N HIS B 117 3.44 -14.91 18.72
CA HIS B 117 4.15 -14.61 19.95
C HIS B 117 5.65 -14.77 19.74
N GLU B 118 6.02 -15.65 18.81
CA GLU B 118 7.43 -15.87 18.50
C GLU B 118 7.96 -14.79 17.56
N ILE B 119 7.11 -14.36 16.63
CA ILE B 119 7.46 -13.28 15.71
C ILE B 119 7.58 -11.94 16.44
N PHE B 120 6.53 -11.58 17.17
CA PHE B 120 6.56 -10.37 17.98
C PHE B 120 7.80 -10.38 18.88
N LYS B 121 8.08 -11.53 19.48
CA LYS B 121 9.24 -11.65 20.35
C LYS B 121 10.52 -11.32 19.60
N VAL B 122 10.61 -11.75 18.35
CA VAL B 122 11.80 -11.47 17.54
C VAL B 122 11.80 -10.02 17.07
N VAL B 123 10.65 -9.57 16.56
CA VAL B 123 10.50 -8.21 16.07
C VAL B 123 10.68 -7.16 17.16
N ARG B 124 9.97 -7.35 18.28
CA ARG B 124 10.02 -6.40 19.39
C ARG B 124 11.46 -6.19 19.89
N LYS B 125 12.31 -7.20 19.70
CA LYS B 125 13.69 -7.15 20.17
C LYS B 125 14.63 -6.49 19.16
N GLY B 126 14.37 -6.73 17.88
CA GLY B 126 15.15 -6.11 16.82
C GLY B 126 14.98 -4.61 16.82
N ILE B 127 13.81 -4.16 17.26
CA ILE B 127 13.52 -2.73 17.34
C ILE B 127 14.33 -2.06 18.45
N LYS B 128 14.41 -2.71 19.60
CA LYS B 128 15.23 -2.22 20.71
C LYS B 128 16.70 -2.23 20.35
N ALA B 129 17.08 -3.19 19.51
CA ALA B 129 18.47 -3.34 19.09
C ALA B 129 18.91 -2.20 18.17
N SER B 130 18.01 -1.79 17.27
CA SER B 130 18.35 -0.79 16.27
C SER B 130 17.89 0.62 16.66
N GLY B 131 17.40 0.76 17.89
CA GLY B 131 16.97 2.05 18.39
C GLY B 131 15.77 2.61 17.64
N CYS B 132 15.02 1.74 16.98
CA CYS B 132 13.79 2.15 16.31
C CYS B 132 12.69 2.31 17.34
N ASN B 133 11.53 2.78 16.88
CA ASN B 133 10.40 2.99 17.77
C ASN B 133 9.31 1.92 17.63
N ARG B 134 9.01 1.53 16.39
CA ARG B 134 8.08 0.42 16.15
C ARG B 134 8.21 -0.17 14.75
N ALA B 135 7.61 -1.32 14.54
CA ALA B 135 7.77 -2.06 13.30
C ALA B 135 6.80 -1.62 12.20
N ILE B 136 7.09 -2.02 10.97
CA ILE B 136 6.23 -1.73 9.83
C ILE B 136 6.29 -2.89 8.84
N MET B 137 5.12 -3.37 8.43
CA MET B 137 5.06 -4.57 7.60
C MET B 137 5.39 -4.33 6.13
N VAL B 138 6.39 -5.05 5.65
CA VAL B 138 6.76 -5.04 4.24
C VAL B 138 6.20 -6.29 3.57
N ALA B 139 5.33 -6.11 2.58
CA ALA B 139 4.68 -7.24 1.91
C ALA B 139 4.20 -6.85 0.52
N HIS B 140 3.90 -7.86 -0.30
CA HIS B 140 3.38 -7.61 -1.64
C HIS B 140 1.87 -7.48 -1.56
N ASN B 141 1.34 -6.33 -1.99
CA ASN B 141 -0.05 -6.00 -1.72
C ASN B 141 -0.24 -6.07 -0.21
N ALA B 142 0.63 -5.36 0.50
CA ALA B 142 0.76 -5.46 1.95
C ALA B 142 -0.55 -5.48 2.75
N ASN B 143 -1.59 -4.80 2.28
CA ASN B 143 -2.86 -4.74 2.99
C ASN B 143 -3.41 -6.12 3.32
N PHE B 144 -3.38 -7.00 2.33
CA PHE B 144 -3.86 -8.36 2.50
C PHE B 144 -3.23 -9.00 3.72
N ASP B 145 -1.92 -9.19 3.67
CA ASP B 145 -1.20 -9.79 4.79
C ASP B 145 -1.47 -9.04 6.09
N HIS B 146 -1.40 -7.72 6.04
CA HIS B 146 -1.64 -6.88 7.21
C HIS B 146 -3.04 -7.13 7.76
N SER B 147 -4.04 -7.16 6.88
CA SER B 147 -5.41 -7.45 7.29
C SER B 147 -5.47 -8.79 8.02
N PHE B 148 -4.84 -9.81 7.45
CA PHE B 148 -4.90 -11.15 8.01
C PHE B 148 -4.10 -11.30 9.31
N MET B 149 -2.96 -10.62 9.40
CA MET B 149 -2.15 -10.74 10.60
C MET B 149 -2.81 -10.07 11.80
N MET B 150 -3.35 -8.88 11.59
CA MET B 150 -4.04 -8.16 12.66
C MET B 150 -5.24 -8.96 13.16
N ALA B 151 -5.98 -9.55 12.23
CA ALA B 151 -7.13 -10.37 12.58
C ALA B 151 -6.68 -11.59 13.39
N ALA B 152 -5.49 -12.09 13.08
CA ALA B 152 -4.94 -13.22 13.82
C ALA B 152 -4.52 -12.79 15.23
N ALA B 153 -3.86 -11.64 15.32
CA ALA B 153 -3.48 -11.07 16.60
C ALA B 153 -4.69 -10.86 17.51
N GLU B 154 -5.82 -10.48 16.90
CA GLU B 154 -7.05 -10.25 17.64
C GLU B 154 -7.60 -11.56 18.18
N ARG B 155 -7.57 -12.59 17.35
CA ARG B 155 -8.01 -13.92 17.73
C ARG B 155 -7.21 -14.42 18.94
N ALA B 156 -5.89 -14.29 18.86
CA ALA B 156 -5.03 -14.71 19.97
C ALA B 156 -5.10 -13.70 21.10
N SER B 157 -5.90 -12.66 20.91
CA SER B 157 -6.00 -11.58 21.89
C SER B 157 -4.62 -11.13 22.34
N LEU B 158 -3.69 -11.06 21.39
CA LEU B 158 -2.31 -10.66 21.68
C LEU B 158 -2.22 -9.16 21.92
N LYS B 159 -1.29 -8.77 22.78
CA LYS B 159 -1.16 -7.38 23.20
C LYS B 159 0.25 -6.85 22.90
N ARG B 160 0.41 -5.53 22.98
CA ARG B 160 1.70 -4.92 22.72
C ARG B 160 2.20 -5.22 21.30
N ASN B 161 1.27 -5.28 20.35
CA ASN B 161 1.62 -5.52 18.95
C ASN B 161 2.59 -4.46 18.42
N PRO B 162 3.83 -4.87 18.14
CA PRO B 162 4.92 -3.99 17.70
C PRO B 162 4.62 -3.28 16.38
N PHE B 163 3.78 -3.87 15.54
CA PHE B 163 3.51 -3.31 14.22
C PHE B 163 2.61 -2.08 14.25
N HIS B 164 2.74 -1.26 13.20
CA HIS B 164 1.90 -0.08 13.04
C HIS B 164 0.48 -0.49 12.67
N PRO B 165 -0.51 0.14 13.32
CA PRO B 165 -1.93 -0.21 13.13
C PRO B 165 -2.42 -0.19 11.69
N PHE B 166 -1.79 0.61 10.82
CA PHE B 166 -2.31 0.77 9.47
C PHE B 166 -1.28 1.18 8.41
N ALA B 167 -0.04 1.42 8.83
CA ALA B 167 0.99 1.87 7.91
C ALA B 167 1.82 0.70 7.42
N THR B 168 1.92 0.55 6.09
CA THR B 168 2.68 -0.53 5.49
C THR B 168 3.45 -0.10 4.24
N PHE B 169 4.59 -0.75 4.03
CA PHE B 169 5.33 -0.59 2.78
C PHE B 169 4.85 -1.65 1.79
N ASP B 170 4.13 -1.22 0.75
CA ASP B 170 3.67 -2.15 -0.27
C ASP B 170 4.73 -2.36 -1.37
N THR B 171 5.37 -3.52 -1.37
CA THR B 171 6.39 -3.82 -2.37
C THR B 171 5.79 -3.94 -3.76
N ALA B 172 4.47 -4.06 -3.83
CA ALA B 172 3.79 -4.09 -5.13
C ALA B 172 3.90 -2.73 -5.80
N ALA B 173 3.74 -1.67 -5.01
CA ALA B 173 3.82 -0.31 -5.51
C ALA B 173 5.26 0.13 -5.67
N LEU B 174 6.07 -0.10 -4.64
CA LEU B 174 7.50 0.20 -4.68
C LEU B 174 8.16 -0.40 -5.92
N ALA B 175 7.80 -1.64 -6.24
CA ALA B 175 8.33 -2.29 -7.45
C ALA B 175 7.81 -1.60 -8.70
N GLY B 176 6.63 -0.99 -8.59
CA GLY B 176 6.05 -0.25 -9.69
C GLY B 176 6.87 0.99 -10.00
N LEU B 177 7.41 1.60 -8.96
CA LEU B 177 8.25 2.77 -9.12
C LEU B 177 9.64 2.36 -9.61
N ALA B 178 10.30 1.54 -8.81
CA ALA B 178 11.66 1.10 -9.10
C ALA B 178 11.79 0.34 -10.42
N LEU B 179 10.91 -0.64 -10.62
CA LEU B 179 11.07 -1.58 -11.73
C LEU B 179 9.94 -1.49 -12.75
N GLY B 180 8.90 -0.72 -12.44
CA GLY B 180 7.76 -0.59 -13.33
C GLY B 180 6.98 -1.88 -13.48
N GLN B 181 7.00 -2.68 -12.42
CA GLN B 181 6.28 -3.95 -12.42
C GLN B 181 5.50 -4.08 -11.11
N THR B 182 4.35 -4.75 -11.18
CA THR B 182 3.48 -4.89 -10.02
C THR B 182 3.39 -6.33 -9.51
N VAL B 183 3.55 -7.29 -10.41
CA VAL B 183 3.47 -8.70 -10.04
C VAL B 183 4.76 -9.15 -9.39
N LEU B 184 4.64 -9.85 -8.26
CA LEU B 184 5.80 -10.26 -7.47
C LEU B 184 6.85 -11.00 -8.29
N SER B 185 6.41 -11.97 -9.09
CA SER B 185 7.31 -12.80 -9.88
C SER B 185 8.09 -11.98 -10.91
N LYS B 186 7.40 -11.07 -11.60
CA LYS B 186 8.04 -10.21 -12.57
C LYS B 186 8.89 -9.15 -11.87
N ALA B 187 8.38 -8.62 -10.76
CA ALA B 187 9.14 -7.66 -9.98
C ALA B 187 10.50 -8.25 -9.59
N CYS B 188 10.51 -9.52 -9.21
CA CYS B 188 11.75 -10.21 -8.88
C CYS B 188 12.58 -10.48 -10.14
N GLN B 189 11.97 -11.16 -11.10
CA GLN B 189 12.62 -11.46 -12.38
C GLN B 189 13.21 -10.21 -13.02
N THR B 190 12.38 -9.17 -13.19
CA THR B 190 12.83 -7.94 -13.82
C THR B 190 13.88 -7.22 -12.97
N ALA B 191 13.90 -7.52 -11.68
CA ALA B 191 14.90 -6.94 -10.79
C ALA B 191 16.22 -7.71 -10.88
N GLY B 192 16.28 -8.64 -11.84
CA GLY B 192 17.46 -9.45 -12.05
C GLY B 192 17.54 -10.61 -11.07
N MET B 193 16.39 -10.97 -10.50
CA MET B 193 16.33 -12.04 -9.52
C MET B 193 15.86 -13.36 -10.11
N ASP B 194 16.00 -14.42 -9.33
CA ASP B 194 15.39 -15.71 -9.63
C ASP B 194 14.02 -15.76 -8.98
N PHE B 195 13.03 -16.26 -9.71
CA PHE B 195 11.74 -16.53 -9.10
C PHE B 195 11.18 -17.86 -9.58
N ASP B 196 11.05 -18.80 -8.65
CA ASP B 196 10.58 -20.14 -8.97
C ASP B 196 9.10 -20.29 -8.64
N SER B 197 8.26 -20.10 -9.66
CA SER B 197 6.82 -20.13 -9.47
C SER B 197 6.35 -21.47 -8.91
N THR B 198 7.27 -22.43 -8.87
CA THR B 198 7.01 -23.75 -8.31
C THR B 198 6.90 -23.69 -6.79
N GLN B 199 7.61 -22.75 -6.16
CA GLN B 199 7.58 -22.63 -4.72
C GLN B 199 6.75 -21.43 -4.28
N ALA B 200 5.88 -20.97 -5.17
CA ALA B 200 5.16 -19.72 -4.96
C ALA B 200 4.14 -19.78 -3.82
N HIS B 201 3.72 -20.98 -3.45
CA HIS B 201 2.68 -21.14 -2.44
C HIS B 201 3.26 -21.38 -1.04
N SER B 202 4.56 -21.12 -0.89
CA SER B 202 5.23 -21.27 0.39
C SER B 202 5.58 -19.93 1.02
N ALA B 203 4.95 -19.62 2.14
CA ALA B 203 5.19 -18.37 2.85
C ALA B 203 6.69 -18.11 3.03
N LEU B 204 7.44 -19.17 3.31
CA LEU B 204 8.87 -19.06 3.53
C LEU B 204 9.60 -18.58 2.28
N TYR B 205 9.52 -19.36 1.21
CA TYR B 205 10.12 -18.99 -0.06
C TYR B 205 9.65 -17.60 -0.51
N ASP B 206 8.33 -17.40 -0.49
CA ASP B 206 7.74 -16.14 -0.92
C ASP B 206 8.34 -14.94 -0.19
N THR B 207 8.40 -15.02 1.13
CA THR B 207 8.93 -13.94 1.95
C THR B 207 10.39 -13.65 1.63
N GLU B 208 11.20 -14.70 1.56
CA GLU B 208 12.61 -14.54 1.21
C GLU B 208 12.77 -13.84 -0.13
N ARG B 209 11.98 -14.26 -1.11
CA ARG B 209 12.01 -13.62 -2.42
C ARG B 209 11.58 -12.15 -2.33
N THR B 210 10.77 -11.84 -1.33
CA THR B 210 10.26 -10.48 -1.16
C THR B 210 11.30 -9.57 -0.50
N ALA B 211 11.89 -10.05 0.59
CA ALA B 211 12.95 -9.34 1.30
C ALA B 211 14.12 -9.05 0.38
N VAL B 212 14.52 -10.04 -0.41
CA VAL B 212 15.60 -9.87 -1.37
C VAL B 212 15.25 -8.81 -2.40
N LEU B 213 13.97 -8.74 -2.75
CA LEU B 213 13.49 -7.74 -3.71
C LEU B 213 13.43 -6.35 -3.07
N PHE B 214 13.05 -6.32 -1.80
CA PHE B 214 12.94 -5.05 -1.08
C PHE B 214 14.32 -4.48 -0.76
N CYS B 215 15.21 -5.33 -0.25
CA CYS B 215 16.58 -4.91 0.00
C CYS B 215 17.20 -4.47 -1.32
N GLU B 216 16.80 -5.14 -2.40
CA GLU B 216 17.26 -4.77 -3.73
C GLU B 216 16.84 -3.36 -4.10
N ILE B 217 15.53 -3.11 -4.09
CA ILE B 217 15.00 -1.80 -4.45
C ILE B 217 15.58 -0.69 -3.58
N VAL B 218 15.55 -0.89 -2.26
CA VAL B 218 16.13 0.07 -1.32
C VAL B 218 17.60 0.34 -1.61
N ASN B 219 18.37 -0.73 -1.82
CA ASN B 219 19.79 -0.60 -2.12
C ASN B 219 20.06 0.03 -3.48
N ARG B 220 19.23 -0.32 -4.48
CA ARG B 220 19.38 0.24 -5.81
C ARG B 220 19.21 1.76 -5.79
N TRP B 221 18.43 2.24 -4.81
CA TRP B 221 18.19 3.66 -4.65
C TRP B 221 19.47 4.34 -4.16
N LYS B 222 20.12 3.71 -3.18
CA LYS B 222 21.37 4.21 -2.64
C LYS B 222 22.47 4.26 -3.71
N ARG B 223 22.52 3.24 -4.55
CA ARG B 223 23.50 3.16 -5.62
C ARG B 223 23.45 4.38 -6.54
N LEU B 224 22.24 4.77 -6.94
CA LEU B 224 22.07 5.88 -7.89
C LEU B 224 22.14 7.24 -7.18
N GLY B 225 22.47 7.20 -5.89
CA GLY B 225 22.64 8.42 -5.12
C GLY B 225 21.32 9.03 -4.64
N GLY B 226 20.24 8.26 -4.75
CA GLY B 226 18.95 8.72 -4.30
C GLY B 226 18.94 8.92 -2.79
N TRP B 227 19.85 8.23 -2.11
CA TRP B 227 19.97 8.35 -0.66
C TRP B 227 21.44 8.17 -0.29
N PRO B 228 21.92 8.95 0.70
CA PRO B 228 21.18 9.97 1.45
C PRO B 228 20.66 11.10 0.57
N LEU B 229 19.67 11.84 1.06
CA LEU B 229 19.04 12.92 0.29
C LEU B 229 19.95 14.13 0.11
N SER B 230 20.58 14.56 1.20
CA SER B 230 21.42 15.76 1.16
C SER B 230 22.67 15.58 0.30
N ALA B 231 23.39 14.49 0.53
CA ALA B 231 24.70 14.27 -0.09
C ALA B 231 24.80 14.74 -1.54
N ALA B 232 23.90 14.22 -2.37
CA ALA B 232 23.87 14.48 -3.82
C ALA B 232 24.60 15.77 -4.24
CO CO E . -22.20 7.49 -1.12
CO CO F . -4.79 -17.92 14.22
#